data_4EI4
#
_entry.id   4EI4
#
_cell.length_a   42.755
_cell.length_b   173.322
_cell.length_c   44.595
_cell.angle_alpha   90.00
_cell.angle_beta   94.27
_cell.angle_gamma   90.00
#
_symmetry.space_group_name_H-M   'P 1 21 1'
#
loop_
_entity.id
_entity.type
_entity.pdbx_description
1 polymer 'Tyrosine-protein kinase JAK1'
2 non-polymer (1R,3R)-3-(2-methylimidazo[4,5-d]pyrrolo[2,3-b]pyridin-1(8H)-yl)cyclohexanol
3 water water
#
_entity_poly.entity_id   1
_entity_poly.type   'polypeptide(L)'
_entity_poly.pdbx_seq_one_letter_code
;GDIVSEKKPATEVDPTHFEKRFLKRIRDLGEGHFGKVELCRYDPEGDNTGEQVAVKSLKPESGGNHIADLKKEIEILRNL
YHENIVKYKGICTEDGGNGIKLIMEFLPSGSLKEYLPKNKNKINLKQQLKYAVQICKGMDYLGSRQYVHRDLAARNVLVE
SEHQVKIGDFGLTKAIETDKE(PTR)(PTR)TVKDDRDSPVFWYAPECLMQSKFYIASDVWSFGVTLHELLTYCDSDSSP
MALFLKMIGPTHGQMTVTRLVNTLKEGKRLPCPPNCPDEVYQLMRKCWEFQPSNRTSFQNLIEGFEALLK
;
_entity_poly.pdbx_strand_id   A,B
#
loop_
_chem_comp.id
_chem_comp.type
_chem_comp.name
_chem_comp.formula
0Q2 non-polymer (1R,3R)-3-(2-methylimidazo[4,5-d]pyrrolo[2,3-b]pyridin-1(8H)-yl)cyclohexanol 'C15 H18 N4 O'
#
# COMPACT_ATOMS: atom_id res chain seq x y z
N GLY A 1 -23.56 67.56 -14.27
CA GLY A 1 -24.95 67.18 -14.64
C GLY A 1 -25.50 66.01 -13.82
N ASP A 2 -26.15 65.06 -14.50
CA ASP A 2 -26.74 63.89 -13.85
C ASP A 2 -25.69 62.78 -13.62
N ILE A 3 -25.98 61.91 -12.66
CA ILE A 3 -25.10 60.78 -12.34
C ILE A 3 -24.92 59.90 -13.58
N VAL A 4 -23.67 59.61 -13.91
CA VAL A 4 -23.35 58.79 -15.06
C VAL A 4 -23.28 57.32 -14.66
N SER A 5 -24.26 56.55 -15.14
CA SER A 5 -24.29 55.10 -14.98
C SER A 5 -23.69 54.45 -16.24
N GLU A 6 -23.74 53.13 -16.31
CA GLU A 6 -23.30 52.39 -17.50
C GLU A 6 -24.51 51.91 -18.31
N LYS A 7 -24.54 52.25 -19.60
CA LYS A 7 -25.51 51.68 -20.54
C LYS A 7 -25.53 50.17 -20.36
N LYS A 8 -26.70 49.62 -20.03
CA LYS A 8 -26.84 48.17 -19.86
C LYS A 8 -26.87 47.47 -21.22
N PRO A 9 -25.98 46.47 -21.44
CA PRO A 9 -26.06 45.66 -22.65
C PRO A 9 -27.12 44.55 -22.54
N ALA A 10 -27.50 43.99 -23.69
CA ALA A 10 -28.56 42.97 -23.77
C ALA A 10 -28.16 41.64 -23.11
N THR A 11 -28.69 41.39 -21.92
CA THR A 11 -28.33 40.20 -21.12
C THR A 11 -29.02 38.92 -21.61
N GLU A 12 -28.29 38.14 -22.42
CA GLU A 12 -28.79 36.84 -22.89
C GLU A 12 -28.74 35.82 -21.74
N VAL A 13 -29.50 34.74 -21.89
CA VAL A 13 -29.54 33.69 -20.87
C VAL A 13 -28.77 32.46 -21.35
N ASP A 14 -27.72 32.12 -20.62
CA ASP A 14 -26.93 30.92 -20.84
C ASP A 14 -27.65 29.72 -20.19
N PRO A 15 -28.07 28.73 -21.00
CA PRO A 15 -28.74 27.54 -20.43
C PRO A 15 -27.81 26.55 -19.71
N THR A 16 -26.52 26.78 -19.76
CA THR A 16 -25.56 25.98 -19.07
C THR A 16 -25.07 26.62 -17.80
N HIS A 17 -25.68 27.72 -17.41
CA HIS A 17 -25.32 28.37 -16.19
C HIS A 17 -26.35 28.23 -15.13
N PHE A 18 -26.02 27.53 -14.09
CA PHE A 18 -26.95 27.29 -13.02
C PHE A 18 -26.64 28.20 -11.84
N GLU A 19 -27.62 28.98 -11.42
CA GLU A 19 -27.44 29.91 -10.30
C GLU A 19 -27.50 29.14 -8.99
N LYS A 20 -26.50 29.37 -8.14
CA LYS A 20 -26.42 28.70 -6.84
C LYS A 20 -27.71 28.88 -6.02
N ARG A 21 -28.33 30.05 -6.09
CA ARG A 21 -29.53 30.33 -5.25
C ARG A 21 -30.75 29.44 -5.56
N PHE A 22 -30.81 28.87 -6.76
CA PHE A 22 -31.91 27.97 -7.15
C PHE A 22 -31.58 26.48 -7.12
N LEU A 23 -30.32 26.14 -6.88
CA LEU A 23 -29.89 24.74 -6.83
C LEU A 23 -30.09 24.17 -5.42
N LYS A 24 -31.11 23.34 -5.26
CA LYS A 24 -31.53 22.90 -3.93
C LYS A 24 -31.28 21.42 -3.70
N ARG A 25 -30.48 21.13 -2.67
CA ARG A 25 -30.02 19.78 -2.38
C ARG A 25 -31.17 18.89 -1.88
N ILE A 26 -31.22 17.68 -2.44
CA ILE A 26 -32.16 16.64 -2.02
C ILE A 26 -31.42 15.56 -1.24
N ARG A 27 -30.40 14.98 -1.84
CA ARG A 27 -29.59 13.95 -1.18
C ARG A 27 -28.26 13.68 -1.88
N ASP A 28 -27.40 12.93 -1.19
CA ASP A 28 -26.12 12.48 -1.75
C ASP A 28 -26.29 11.24 -2.67
N LEU A 29 -25.57 11.26 -3.79
CA LEU A 29 -25.58 10.16 -4.76
C LEU A 29 -24.32 9.29 -4.65
N GLY A 30 -23.21 9.91 -4.29
CA GLY A 30 -21.95 9.19 -4.10
C GLY A 30 -20.81 10.14 -3.82
N GLU A 31 -19.68 9.59 -3.40
CA GLU A 31 -18.54 10.41 -3.10
C GLU A 31 -17.33 9.59 -2.80
N GLY A 32 -16.27 10.33 -2.48
CA GLY A 32 -15.12 9.73 -1.85
C GLY A 32 -13.97 10.67 -1.95
N HIS A 33 -13.38 10.98 -0.81
CA HIS A 33 -12.05 11.56 -0.71
C HIS A 33 -12.07 13.05 -0.90
N PHE A 34 -12.19 13.49 -2.15
CA PHE A 34 -12.06 14.89 -2.50
C PHE A 34 -13.33 15.48 -3.10
N GLY A 35 -14.13 14.62 -3.71
CA GLY A 35 -15.35 15.04 -4.40
C GLY A 35 -16.60 14.26 -4.01
N LYS A 36 -17.75 14.84 -4.29
CA LYS A 36 -19.05 14.20 -4.02
C LYS A 36 -20.06 14.61 -5.09
N VAL A 37 -21.05 13.75 -5.30
CA VAL A 37 -22.14 14.04 -6.21
C VAL A 37 -23.45 14.00 -5.42
N GLU A 38 -24.24 15.06 -5.59
CA GLU A 38 -25.51 15.24 -4.91
C GLU A 38 -26.68 15.34 -5.90
N LEU A 39 -27.80 14.73 -5.56
CA LEU A 39 -29.06 14.98 -6.25
C LEU A 39 -29.60 16.34 -5.81
N CYS A 40 -29.85 17.21 -6.78
CA CYS A 40 -30.54 18.48 -6.54
C CYS A 40 -31.69 18.70 -7.50
N ARG A 41 -32.56 19.63 -7.13
CA ARG A 41 -33.53 20.20 -8.03
C ARG A 41 -33.13 21.64 -8.32
N TYR A 42 -33.01 21.99 -9.59
CA TYR A 42 -32.81 23.36 -9.97
C TYR A 42 -34.18 23.98 -10.12
N ASP A 43 -34.57 24.76 -9.12
CA ASP A 43 -35.97 25.17 -8.97
C ASP A 43 -36.08 26.70 -8.94
N PRO A 44 -35.80 27.37 -10.07
CA PRO A 44 -35.89 28.83 -10.16
C PRO A 44 -37.30 29.42 -9.94
N GLU A 45 -38.34 28.62 -10.14
CA GLU A 45 -39.71 29.06 -9.86
C GLU A 45 -40.12 28.79 -8.41
N GLY A 46 -39.29 28.04 -7.69
CA GLY A 46 -39.48 27.82 -6.26
C GLY A 46 -40.72 27.03 -5.86
N ASP A 47 -41.24 26.21 -6.75
CA ASP A 47 -42.49 25.46 -6.47
C ASP A 47 -42.34 23.94 -6.54
N ASN A 48 -41.08 23.47 -6.52
CA ASN A 48 -40.74 22.04 -6.58
C ASN A 48 -41.11 21.37 -7.91
N THR A 49 -41.08 22.13 -9.01
CA THR A 49 -41.38 21.58 -10.35
C THR A 49 -40.14 21.50 -11.25
N GLY A 50 -39.04 22.09 -10.81
CA GLY A 50 -37.83 22.16 -11.60
C GLY A 50 -37.14 20.83 -11.89
N GLU A 51 -36.19 20.87 -12.81
CA GLU A 51 -35.49 19.70 -13.22
C GLU A 51 -34.58 19.17 -12.11
N GLN A 52 -34.51 17.85 -11.99
CA GLN A 52 -33.56 17.19 -11.13
C GLN A 52 -32.25 16.97 -11.87
N VAL A 53 -31.14 17.34 -11.22
CA VAL A 53 -29.81 17.25 -11.80
C VAL A 53 -28.83 16.63 -10.81
N ALA A 54 -27.74 16.08 -11.35
CA ALA A 54 -26.64 15.57 -10.53
C ALA A 54 -25.56 16.64 -10.45
N VAL A 55 -25.18 16.98 -9.23
CA VAL A 55 -24.24 18.06 -8.99
C VAL A 55 -22.98 17.51 -8.35
N LYS A 56 -21.86 17.64 -9.06
CA LYS A 56 -20.55 17.27 -8.56
C LYS A 56 -19.81 18.51 -8.03
N SER A 57 -19.38 18.43 -6.77
CA SER A 57 -18.68 19.50 -6.07
C SER A 57 -17.42 18.92 -5.45
N LEU A 58 -16.60 19.81 -4.90
CA LEU A 58 -15.46 19.43 -4.06
C LEU A 58 -15.84 19.49 -2.58
N LYS A 59 -15.28 18.55 -1.81
CA LYS A 59 -15.40 18.53 -0.35
C LYS A 59 -14.43 19.53 0.27
N HIS A 66 -7.42 20.79 -5.51
CA HIS A 66 -8.36 19.95 -6.29
C HIS A 66 -9.36 20.69 -7.21
N ILE A 67 -9.39 22.02 -7.13
CA ILE A 67 -10.22 22.84 -8.02
C ILE A 67 -9.84 22.63 -9.48
N ALA A 68 -8.55 22.67 -9.77
CA ALA A 68 -8.08 22.53 -11.16
C ALA A 68 -8.44 21.16 -11.77
N ASP A 69 -8.46 20.11 -10.96
CA ASP A 69 -8.85 18.76 -11.44
C ASP A 69 -10.29 18.71 -11.92
N LEU A 70 -11.19 19.27 -11.12
CA LEU A 70 -12.59 19.32 -11.44
C LEU A 70 -12.84 20.16 -12.69
N LYS A 71 -12.13 21.28 -12.83
CA LYS A 71 -12.20 22.11 -14.03
C LYS A 71 -11.76 21.35 -15.27
N LYS A 72 -10.75 20.50 -15.14
CA LYS A 72 -10.30 19.66 -16.26
C LYS A 72 -11.35 18.60 -16.60
N GLU A 73 -11.90 17.97 -15.55
CA GLU A 73 -12.99 17.02 -15.69
C GLU A 73 -14.18 17.62 -16.44
N ILE A 74 -14.53 18.85 -16.08
CA ILE A 74 -15.64 19.60 -16.69
C ILE A 74 -15.40 19.87 -18.16
N GLU A 75 -14.17 20.24 -18.50
CA GLU A 75 -13.77 20.46 -19.88
C GLU A 75 -13.77 19.16 -20.72
N ILE A 76 -13.46 18.03 -20.11
CA ILE A 76 -13.51 16.73 -20.79
C ILE A 76 -14.97 16.35 -21.09
N LEU A 77 -15.81 16.35 -20.08
CA LEU A 77 -17.19 15.92 -20.20
C LEU A 77 -18.03 16.79 -21.14
N ARG A 78 -17.80 18.10 -21.08
CA ARG A 78 -18.54 19.09 -21.86
C ARG A 78 -18.42 18.87 -23.37
N ASN A 79 -17.29 18.30 -23.78
CA ASN A 79 -16.98 18.04 -25.16
C ASN A 79 -17.03 16.56 -25.53
N LEU A 80 -17.62 15.74 -24.66
CA LEU A 80 -17.92 14.36 -25.02
C LEU A 80 -19.39 14.28 -25.42
N TYR A 81 -19.65 13.68 -26.59
CA TYR A 81 -21.02 13.45 -27.07
C TYR A 81 -21.16 12.01 -27.56
N HIS A 82 -21.84 11.19 -26.79
CA HIS A 82 -22.05 9.79 -27.15
C HIS A 82 -23.24 9.29 -26.34
N GLU A 83 -24.03 8.40 -26.93
CA GLU A 83 -25.27 7.96 -26.29
C GLU A 83 -25.01 7.16 -25.01
N ASN A 84 -23.81 6.62 -24.90
CA ASN A 84 -23.39 5.87 -23.74
C ASN A 84 -22.42 6.63 -22.83
N ILE A 85 -22.47 7.97 -22.88
CA ILE A 85 -21.75 8.81 -21.95
C ILE A 85 -22.70 9.82 -21.31
N VAL A 86 -22.62 9.98 -19.98
CA VAL A 86 -23.56 10.85 -19.23
C VAL A 86 -23.50 12.30 -19.74
N LYS A 87 -24.65 12.96 -19.82
CA LYS A 87 -24.74 14.31 -20.40
C LYS A 87 -24.31 15.40 -19.41
N TYR A 88 -23.39 16.24 -19.87
CA TYR A 88 -23.10 17.54 -19.30
C TYR A 88 -24.33 18.45 -19.49
N LYS A 89 -24.72 19.14 -18.42
CA LYS A 89 -25.80 20.11 -18.45
C LYS A 89 -25.26 21.51 -18.24
N GLY A 90 -24.28 21.66 -17.34
CA GLY A 90 -23.68 22.96 -17.13
C GLY A 90 -22.79 23.04 -15.92
N ILE A 91 -22.59 24.27 -15.47
CA ILE A 91 -21.82 24.57 -14.25
C ILE A 91 -22.53 25.58 -13.35
N CYS A 92 -22.16 25.55 -12.09
CA CYS A 92 -22.50 26.57 -11.13
C CYS A 92 -21.17 27.12 -10.64
N THR A 93 -20.96 28.43 -10.76
CA THR A 93 -19.71 29.05 -10.32
C THR A 93 -19.94 30.02 -9.17
N GLY A 99 -14.55 28.84 -6.92
CA GLY A 99 -15.39 27.66 -6.76
C GLY A 99 -16.12 27.28 -8.04
N ILE A 100 -16.44 26.00 -8.18
CA ILE A 100 -17.18 25.51 -9.34
C ILE A 100 -17.85 24.17 -9.04
N LYS A 101 -19.07 24.00 -9.56
CA LYS A 101 -19.82 22.74 -9.50
C LYS A 101 -20.13 22.28 -10.92
N LEU A 102 -19.98 20.97 -11.18
CA LEU A 102 -20.36 20.33 -12.44
C LEU A 102 -21.80 19.82 -12.36
N ILE A 103 -22.64 20.28 -13.27
CA ILE A 103 -24.03 19.86 -13.32
C ILE A 103 -24.17 18.83 -14.47
N MET A 104 -24.70 17.64 -14.12
CA MET A 104 -24.95 16.57 -15.05
C MET A 104 -26.41 16.12 -15.02
N GLU A 105 -26.83 15.40 -16.06
CA GLU A 105 -28.14 14.76 -16.03
C GLU A 105 -28.23 13.73 -14.88
N PHE A 106 -29.42 13.63 -14.31
CA PHE A 106 -29.69 12.66 -13.23
C PHE A 106 -30.40 11.45 -13.83
N LEU A 107 -29.87 10.26 -13.55
CA LEU A 107 -30.47 9.02 -14.03
C LEU A 107 -31.07 8.29 -12.81
N PRO A 108 -32.40 8.36 -12.64
CA PRO A 108 -33.03 7.85 -11.43
C PRO A 108 -32.83 6.36 -11.08
N SER A 109 -32.44 5.52 -12.04
CA SER A 109 -32.12 4.11 -11.74
C SER A 109 -30.73 3.92 -11.12
N GLY A 110 -29.94 4.98 -11.09
CA GLY A 110 -28.64 4.93 -10.46
C GLY A 110 -27.62 4.17 -11.26
N SER A 111 -26.59 3.69 -10.59
CA SER A 111 -25.56 2.88 -11.23
C SER A 111 -25.92 1.39 -11.20
N LEU A 112 -25.12 0.60 -11.91
CA LEU A 112 -25.27 -0.86 -11.91
C LEU A 112 -25.24 -1.45 -10.49
N LYS A 113 -24.47 -0.81 -9.62
CA LYS A 113 -24.35 -1.18 -8.21
C LYS A 113 -25.70 -1.18 -7.48
N GLU A 114 -26.53 -0.17 -7.76
CA GLU A 114 -27.84 -0.03 -7.15
C GLU A 114 -28.89 -0.84 -7.92
N TYR A 115 -28.80 -0.79 -9.24
CA TYR A 115 -29.86 -1.28 -10.12
C TYR A 115 -29.88 -2.80 -10.31
N LEU A 116 -28.71 -3.40 -10.43
CA LEU A 116 -28.61 -4.83 -10.76
C LEU A 116 -29.15 -5.73 -9.62
N PRO A 117 -28.79 -5.45 -8.36
CA PRO A 117 -29.33 -6.30 -7.28
C PRO A 117 -30.86 -6.31 -7.19
N LYS A 118 -31.49 -5.22 -7.62
CA LYS A 118 -32.93 -5.05 -7.53
C LYS A 118 -33.70 -5.50 -8.75
N ASN A 119 -32.99 -5.84 -9.83
CA ASN A 119 -33.65 -6.09 -11.11
C ASN A 119 -33.18 -7.40 -11.79
N LYS A 120 -32.71 -8.35 -10.98
CA LYS A 120 -32.27 -9.67 -11.49
C LYS A 120 -33.32 -10.38 -12.33
N ASN A 121 -34.55 -10.39 -11.85
CA ASN A 121 -35.67 -10.97 -12.59
C ASN A 121 -35.86 -10.37 -13.99
N LYS A 122 -35.47 -9.11 -14.15
CA LYS A 122 -35.67 -8.32 -15.37
C LYS A 122 -34.50 -8.46 -16.36
N ILE A 123 -33.29 -8.69 -15.85
CA ILE A 123 -32.05 -8.60 -16.62
C ILE A 123 -31.38 -9.97 -16.74
N ASN A 124 -31.59 -10.61 -17.89
CA ASN A 124 -30.96 -11.89 -18.22
C ASN A 124 -29.65 -11.70 -18.98
N LEU A 125 -28.99 -12.81 -19.27
CA LEU A 125 -27.69 -12.81 -19.95
C LEU A 125 -27.67 -11.94 -21.23
N LYS A 126 -28.72 -11.98 -22.02
CA LYS A 126 -28.81 -11.18 -23.25
C LYS A 126 -28.71 -9.66 -22.99
N GLN A 127 -29.45 -9.19 -22.01
CA GLN A 127 -29.45 -7.79 -21.63
C GLN A 127 -28.11 -7.37 -21.06
N GLN A 128 -27.45 -8.27 -20.36
CA GLN A 128 -26.11 -8.04 -19.82
C GLN A 128 -25.09 -7.84 -20.94
N LEU A 129 -25.15 -8.67 -21.98
CA LEU A 129 -24.22 -8.56 -23.09
C LEU A 129 -24.45 -7.27 -23.87
N LYS A 130 -25.71 -6.82 -23.90
CA LYS A 130 -26.04 -5.56 -24.55
C LYS A 130 -25.46 -4.38 -23.78
N TYR A 131 -25.49 -4.45 -22.45
CA TYR A 131 -24.81 -3.43 -21.62
C TYR A 131 -23.31 -3.46 -21.86
N ALA A 132 -22.74 -4.66 -21.83
CA ALA A 132 -21.31 -4.84 -22.10
C ALA A 132 -20.89 -4.16 -23.44
N VAL A 133 -21.64 -4.43 -24.50
CA VAL A 133 -21.42 -3.78 -25.78
C VAL A 133 -21.49 -2.26 -25.68
N GLN A 134 -22.47 -1.74 -24.96
CA GLN A 134 -22.63 -0.28 -24.81
C GLN A 134 -21.50 0.36 -23.98
N ILE A 135 -21.06 -0.34 -22.95
CA ILE A 135 -19.90 0.12 -22.18
C ILE A 135 -18.66 0.14 -23.06
N CYS A 136 -18.48 -0.89 -23.89
CA CYS A 136 -17.36 -0.92 -24.84
C CYS A 136 -17.42 0.23 -25.87
N LYS A 137 -18.61 0.53 -26.38
CA LYS A 137 -18.76 1.59 -27.37
C LYS A 137 -18.41 2.95 -26.78
N GLY A 138 -18.81 3.17 -25.53
CA GLY A 138 -18.50 4.41 -24.84
C GLY A 138 -17.00 4.56 -24.64
N MET A 139 -16.38 3.48 -24.22
CA MET A 139 -14.97 3.43 -23.87
C MET A 139 -14.11 3.56 -25.11
N ASP A 140 -14.58 2.97 -26.21
CA ASP A 140 -13.89 3.08 -27.48
C ASP A 140 -13.94 4.52 -27.99
N TYR A 141 -15.07 5.18 -27.78
CA TYR A 141 -15.23 6.60 -28.11
C TYR A 141 -14.24 7.46 -27.30
N LEU A 142 -14.17 7.20 -25.99
CA LEU A 142 -13.22 7.87 -25.10
C LEU A 142 -11.77 7.66 -25.55
N GLY A 143 -11.42 6.41 -25.85
CA GLY A 143 -10.10 6.06 -26.38
C GLY A 143 -9.75 6.73 -27.71
N SER A 144 -10.76 6.90 -28.56
CA SER A 144 -10.61 7.58 -29.85
C SER A 144 -10.36 9.09 -29.70
N ARG A 145 -10.86 9.66 -28.61
CA ARG A 145 -10.60 11.05 -28.28
C ARG A 145 -9.28 11.21 -27.52
N GLN A 146 -8.50 10.13 -27.45
CA GLN A 146 -7.17 10.10 -26.85
C GLN A 146 -7.16 10.18 -25.30
N TYR A 147 -8.22 9.65 -24.67
CA TYR A 147 -8.34 9.66 -23.21
C TYR A 147 -8.20 8.27 -22.61
N VAL A 148 -7.68 8.20 -21.39
CA VAL A 148 -7.74 6.98 -20.58
C VAL A 148 -8.64 7.28 -19.38
N HIS A 149 -9.52 6.35 -19.06
CA HIS A 149 -10.58 6.58 -18.07
C HIS A 149 -10.06 6.38 -16.66
N ARG A 150 -9.37 5.28 -16.43
CA ARG A 150 -8.71 4.96 -15.16
C ARG A 150 -9.62 4.59 -13.96
N ASP A 151 -10.92 4.47 -14.17
CA ASP A 151 -11.86 4.23 -13.06
C ASP A 151 -13.10 3.48 -13.52
N LEU A 152 -12.94 2.62 -14.52
CA LEU A 152 -14.08 1.86 -15.03
C LEU A 152 -14.42 0.77 -14.00
N ALA A 153 -15.61 0.89 -13.42
CA ALA A 153 -16.13 -0.04 -12.45
C ALA A 153 -17.63 0.12 -12.54
N ALA A 154 -18.37 -0.90 -12.10
CA ALA A 154 -19.84 -0.92 -12.23
C ALA A 154 -20.50 0.29 -11.58
N ARG A 155 -19.92 0.77 -10.48
CA ARG A 155 -20.47 1.92 -9.76
C ARG A 155 -20.38 3.21 -10.58
N ASN A 156 -19.52 3.22 -11.60
CA ASN A 156 -19.45 4.37 -12.50
C ASN A 156 -20.22 4.18 -13.81
N VAL A 157 -21.04 3.12 -13.87
CA VAL A 157 -21.87 2.85 -15.03
C VAL A 157 -23.30 3.05 -14.65
N LEU A 158 -23.92 4.10 -15.21
CA LEU A 158 -25.27 4.52 -14.89
C LEU A 158 -26.32 3.86 -15.79
N VAL A 159 -27.51 3.60 -15.23
CA VAL A 159 -28.61 2.98 -15.95
C VAL A 159 -29.60 4.05 -16.36
N GLU A 160 -29.65 4.30 -17.67
CA GLU A 160 -30.60 5.22 -18.30
C GLU A 160 -31.97 4.55 -18.41
N SER A 161 -31.94 3.29 -18.79
CA SER A 161 -33.13 2.47 -18.84
C SER A 161 -32.73 1.00 -18.76
N GLU A 162 -33.73 0.14 -18.68
CA GLU A 162 -33.57 -1.31 -18.82
C GLU A 162 -32.72 -1.69 -20.05
N HIS A 163 -32.78 -0.87 -21.10
CA HIS A 163 -32.05 -1.14 -22.36
C HIS A 163 -30.83 -0.24 -22.63
N GLN A 164 -30.53 0.69 -21.73
CA GLN A 164 -29.40 1.61 -21.98
C GLN A 164 -28.61 1.98 -20.72
N VAL A 165 -27.29 1.85 -20.82
CA VAL A 165 -26.36 2.33 -19.79
C VAL A 165 -25.45 3.43 -20.33
N LYS A 166 -24.92 4.23 -19.42
CA LYS A 166 -23.94 5.29 -19.75
C LYS A 166 -22.82 5.35 -18.73
N ILE A 167 -21.61 5.62 -19.20
CA ILE A 167 -20.50 5.86 -18.30
C ILE A 167 -20.74 7.20 -17.62
N GLY A 168 -20.69 7.23 -16.29
CA GLY A 168 -21.21 8.37 -15.54
C GLY A 168 -20.29 9.08 -14.56
N ASP A 169 -18.98 8.95 -14.73
CA ASP A 169 -18.02 9.73 -13.90
C ASP A 169 -16.68 9.70 -14.59
N PHE A 170 -16.02 10.85 -14.63
CA PHE A 170 -14.76 11.02 -15.37
C PHE A 170 -13.68 11.72 -14.53
N GLY A 171 -13.76 11.53 -13.22
CA GLY A 171 -12.88 12.22 -12.27
C GLY A 171 -11.40 11.89 -12.35
N LEU A 172 -11.07 10.72 -12.90
CA LEU A 172 -9.67 10.28 -13.03
C LEU A 172 -9.21 10.26 -14.49
N THR A 173 -10.08 10.65 -15.40
CA THR A 173 -9.79 10.57 -16.82
C THR A 173 -8.62 11.52 -17.19
N LYS A 174 -7.66 10.96 -17.94
CA LYS A 174 -6.47 11.68 -18.34
C LYS A 174 -6.30 11.57 -19.84
N ALA A 175 -5.67 12.59 -20.43
CA ALA A 175 -5.38 12.63 -21.86
C ALA A 175 -4.03 11.97 -22.10
N ILE A 176 -3.96 11.07 -23.08
CA ILE A 176 -2.67 10.52 -23.49
C ILE A 176 -2.08 11.44 -24.58
N GLU A 177 -0.86 11.91 -24.34
CA GLU A 177 -0.19 12.80 -25.28
C GLU A 177 -0.17 12.17 -26.68
N THR A 178 -0.31 12.98 -27.72
CA THR A 178 -0.27 12.50 -29.10
C THR A 178 1.08 11.82 -29.38
N ASP A 179 1.02 10.70 -30.12
CA ASP A 179 2.21 9.90 -30.43
C ASP A 179 2.90 9.35 -29.17
N LYS A 180 2.12 9.15 -28.10
CA LYS A 180 2.54 8.44 -26.89
C LYS A 180 1.49 7.35 -26.62
N GLU A 181 1.90 6.28 -25.95
CA GLU A 181 1.00 5.14 -25.72
C GLU A 181 0.33 5.16 -24.36
N PTR A 182 0.84 5.97 -23.44
CA PTR A 182 0.36 5.93 -22.06
C PTR A 182 0.49 7.24 -21.31
O PTR A 182 1.15 8.18 -21.75
CB PTR A 182 1.05 4.79 -21.30
CG PTR A 182 2.53 4.97 -21.05
CD1 PTR A 182 3.46 4.20 -21.75
CD2 PTR A 182 3.00 5.85 -20.08
CE1 PTR A 182 4.82 4.34 -21.51
CE2 PTR A 182 4.36 5.99 -19.84
CZ PTR A 182 5.27 5.25 -20.56
OH PTR A 182 6.47 5.38 -20.30
P PTR A 182 7.66 5.66 -21.37
O1P PTR A 182 8.77 6.22 -20.58
O2P PTR A 182 7.21 6.68 -22.44
O3P PTR A 182 8.06 4.32 -22.02
N PTR A 183 -0.14 7.26 -20.13
CA PTR A 183 -0.06 8.36 -19.19
C PTR A 183 0.55 7.87 -17.87
O PTR A 183 0.13 6.83 -17.34
CB PTR A 183 -1.45 8.91 -18.91
CG PTR A 183 -1.46 9.99 -17.85
CD1 PTR A 183 -1.86 9.71 -16.55
CD2 PTR A 183 -1.05 11.28 -18.15
CE1 PTR A 183 -1.86 10.68 -15.58
CE2 PTR A 183 -1.05 12.27 -17.18
CZ PTR A 183 -1.45 11.97 -15.88
OH PTR A 183 -1.47 12.80 -14.95
P PTR A 183 -1.18 14.40 -15.06
O1P PTR A 183 -1.10 14.91 -13.61
O2P PTR A 183 0.14 14.67 -15.82
O3P PTR A 183 -2.29 15.08 -15.79
N THR A 184 1.51 8.63 -17.35
CA THR A 184 2.12 8.33 -16.06
C THR A 184 1.41 9.10 -14.93
N VAL A 185 0.96 8.38 -13.91
CA VAL A 185 0.21 9.00 -12.81
C VAL A 185 1.10 9.20 -11.59
N LYS A 186 0.84 10.30 -10.87
CA LYS A 186 1.58 10.64 -9.64
C LYS A 186 0.73 10.41 -8.41
N ASP A 187 -0.41 11.08 -8.34
CA ASP A 187 -1.35 10.93 -7.24
C ASP A 187 -2.06 9.58 -7.41
N ASP A 188 -1.75 8.63 -6.53
CA ASP A 188 -2.26 7.24 -6.61
C ASP A 188 -2.68 6.63 -5.26
N ARG A 189 -2.78 7.44 -4.20
CA ARG A 189 -3.24 6.99 -2.88
C ARG A 189 -4.48 6.13 -2.97
N ASP A 190 -5.48 6.67 -3.66
CA ASP A 190 -6.83 6.13 -3.68
C ASP A 190 -7.17 5.43 -4.99
N SER A 191 -6.21 4.65 -5.48
CA SER A 191 -6.38 3.82 -6.67
C SER A 191 -7.31 2.62 -6.43
N PRO A 192 -8.23 2.35 -7.38
CA PRO A 192 -9.05 1.14 -7.32
C PRO A 192 -8.24 -0.08 -7.76
N VAL A 193 -7.33 -0.54 -6.89
CA VAL A 193 -6.29 -1.50 -7.27
C VAL A 193 -6.83 -2.85 -7.73
N PHE A 194 -8.00 -3.25 -7.22
CA PHE A 194 -8.59 -4.52 -7.63
C PHE A 194 -9.24 -4.46 -9.02
N TRP A 195 -9.27 -3.27 -9.61
CA TRP A 195 -9.69 -3.06 -10.99
C TRP A 195 -8.51 -2.83 -11.95
N TYR A 196 -7.30 -2.71 -11.41
CA TYR A 196 -6.14 -2.25 -12.19
C TYR A 196 -5.26 -3.34 -12.82
N ALA A 197 -4.80 -3.06 -14.03
CA ALA A 197 -3.89 -3.90 -14.77
C ALA A 197 -2.50 -3.86 -14.14
N PRO A 198 -1.71 -4.94 -14.28
CA PRO A 198 -0.37 -5.02 -13.68
C PRO A 198 0.53 -3.78 -13.86
N GLU A 199 0.58 -3.25 -15.07
CA GLU A 199 1.41 -2.09 -15.39
C GLU A 199 1.04 -0.82 -14.63
N CYS A 200 -0.22 -0.73 -14.20
CA CYS A 200 -0.72 0.38 -13.39
C CYS A 200 -0.33 0.21 -11.94
N LEU A 201 -0.48 -1.02 -11.45
CA LEU A 201 -0.09 -1.38 -10.10
C LEU A 201 1.44 -1.31 -9.90
N MET A 202 2.18 -1.77 -10.91
CA MET A 202 3.64 -1.88 -10.79
C MET A 202 4.37 -0.56 -11.07
N GLN A 203 3.97 0.11 -12.15
CA GLN A 203 4.65 1.35 -12.59
C GLN A 203 3.77 2.59 -12.72
N SER A 204 2.50 2.47 -12.38
CA SER A 204 1.58 3.61 -12.50
C SER A 204 1.59 4.19 -13.93
N LYS A 205 1.69 3.30 -14.92
CA LYS A 205 1.47 3.64 -16.32
C LYS A 205 0.07 3.16 -16.75
N PHE A 206 -0.58 3.94 -17.60
CA PHE A 206 -1.97 3.70 -18.02
C PHE A 206 -2.12 3.78 -19.52
N TYR A 207 -2.35 2.62 -20.13
CA TYR A 207 -2.68 2.49 -21.53
C TYR A 207 -4.19 2.44 -21.74
N ILE A 208 -4.60 2.57 -22.99
CA ILE A 208 -5.97 2.22 -23.39
C ILE A 208 -6.26 0.75 -23.02
N ALA A 209 -5.24 -0.10 -23.16
CA ALA A 209 -5.36 -1.53 -22.81
C ALA A 209 -5.59 -1.74 -21.33
N SER A 210 -5.21 -0.77 -20.50
CA SER A 210 -5.44 -0.84 -19.06
C SER A 210 -6.91 -0.63 -18.73
N ASP A 211 -7.59 0.20 -19.51
CA ASP A 211 -9.03 0.33 -19.49
C ASP A 211 -9.73 -0.94 -19.98
N VAL A 212 -9.15 -1.62 -20.95
CA VAL A 212 -9.66 -2.93 -21.37
C VAL A 212 -9.62 -3.93 -20.21
N TRP A 213 -8.50 -3.97 -19.48
CA TRP A 213 -8.40 -4.79 -18.27
C TRP A 213 -9.49 -4.48 -17.24
N SER A 214 -9.61 -3.21 -16.90
CA SER A 214 -10.66 -2.73 -15.97
C SER A 214 -12.05 -3.07 -16.46
N PHE A 215 -12.25 -3.03 -17.78
CA PHE A 215 -13.51 -3.44 -18.38
C PHE A 215 -13.82 -4.90 -18.07
N GLY A 216 -12.81 -5.75 -18.21
CA GLY A 216 -12.90 -7.14 -17.82
C GLY A 216 -13.43 -7.32 -16.41
N VAL A 217 -12.93 -6.53 -15.48
CA VAL A 217 -13.35 -6.60 -14.08
C VAL A 217 -14.74 -6.03 -13.89
N THR A 218 -15.08 -4.99 -14.65
CA THR A 218 -16.43 -4.42 -14.67
C THR A 218 -17.46 -5.42 -15.23
N LEU A 219 -17.09 -6.17 -16.26
CA LEU A 219 -17.92 -7.24 -16.84
C LEU A 219 -18.16 -8.37 -15.84
N HIS A 220 -17.15 -8.69 -15.05
CA HIS A 220 -17.34 -9.64 -13.97
C HIS A 220 -18.41 -9.17 -12.98
N GLU A 221 -18.37 -7.89 -12.62
CA GLU A 221 -19.35 -7.32 -11.69
C GLU A 221 -20.77 -7.39 -12.24
N LEU A 222 -20.91 -7.06 -13.53
CA LEU A 222 -22.18 -7.12 -14.23
C LEU A 222 -22.75 -8.53 -14.17
N LEU A 223 -21.89 -9.51 -14.42
CA LEU A 223 -22.29 -10.91 -14.45
C LEU A 223 -22.64 -11.45 -13.07
N THR A 224 -22.14 -10.83 -12.01
CA THR A 224 -22.52 -11.20 -10.64
C THR A 224 -23.58 -10.25 -10.07
N TYR A 225 -24.16 -9.43 -10.94
CA TYR A 225 -25.18 -8.46 -10.54
C TYR A 225 -24.70 -7.60 -9.38
N CYS A 226 -23.42 -7.23 -9.41
CA CYS A 226 -22.83 -6.40 -8.36
C CYS A 226 -23.14 -6.89 -6.95
N ASP A 227 -23.19 -8.21 -6.74
CA ASP A 227 -23.33 -8.73 -5.39
C ASP A 227 -22.05 -8.37 -4.63
N SER A 228 -22.22 -7.80 -3.44
CA SER A 228 -21.09 -7.35 -2.61
C SER A 228 -20.16 -8.50 -2.22
N ASP A 229 -20.71 -9.68 -1.98
CA ASP A 229 -19.90 -10.85 -1.57
C ASP A 229 -19.16 -11.52 -2.75
N SER A 230 -19.47 -11.09 -3.96
CA SER A 230 -18.76 -11.55 -5.18
C SER A 230 -17.93 -10.40 -5.80
N SER A 231 -17.80 -9.29 -5.09
CA SER A 231 -17.09 -8.13 -5.62
C SER A 231 -15.63 -8.52 -5.86
N PRO A 232 -14.99 -7.89 -6.88
CA PRO A 232 -13.59 -8.15 -7.17
C PRO A 232 -12.68 -8.02 -5.96
N MET A 233 -12.89 -6.97 -5.17
CA MET A 233 -12.16 -6.79 -3.92
C MET A 233 -12.35 -8.00 -2.99
N ALA A 234 -13.59 -8.40 -2.77
CA ALA A 234 -13.91 -9.57 -1.92
C ALA A 234 -13.26 -10.85 -2.45
N LEU A 235 -13.43 -11.13 -3.74
CA LEU A 235 -12.85 -12.32 -4.34
C LEU A 235 -11.32 -12.32 -4.35
N PHE A 236 -10.73 -11.16 -4.57
CA PHE A 236 -9.27 -11.04 -4.55
C PHE A 236 -8.69 -11.22 -3.14
N LEU A 237 -9.31 -10.58 -2.14
CA LEU A 237 -8.86 -10.68 -0.75
C LEU A 237 -8.97 -12.11 -0.21
N LYS A 238 -9.88 -12.90 -0.77
CA LYS A 238 -9.91 -14.36 -0.53
C LYS A 238 -8.71 -15.05 -1.18
N MET A 239 -8.44 -14.71 -2.44
CA MET A 239 -7.30 -15.29 -3.17
C MET A 239 -5.93 -15.02 -2.53
N ILE A 240 -5.75 -13.82 -1.97
CA ILE A 240 -4.44 -13.39 -1.47
C ILE A 240 -4.34 -13.30 0.06
N GLY A 241 -5.48 -13.07 0.73
CA GLY A 241 -5.52 -12.88 2.18
C GLY A 241 -5.98 -11.48 2.50
N PRO A 242 -6.97 -11.33 3.41
CA PRO A 242 -7.52 -10.02 3.72
C PRO A 242 -6.77 -9.19 4.76
N THR A 243 -5.68 -9.74 5.32
CA THR A 243 -4.99 -9.12 6.45
C THR A 243 -3.50 -8.84 6.19
N HIS A 244 -3.18 -8.32 5.01
CA HIS A 244 -1.79 -7.99 4.68
C HIS A 244 -1.47 -6.49 4.72
N GLY A 245 -2.46 -5.66 5.04
CA GLY A 245 -2.30 -4.21 5.10
C GLY A 245 -1.61 -3.61 3.88
N GLN A 246 -0.50 -2.91 4.12
CA GLN A 246 0.29 -2.25 3.07
C GLN A 246 1.04 -3.21 2.14
N MET A 247 1.03 -4.50 2.45
CA MET A 247 1.58 -5.52 1.54
C MET A 247 0.54 -6.08 0.57
N THR A 248 -0.69 -5.57 0.66
CA THR A 248 -1.77 -6.07 -0.19
C THR A 248 -1.43 -5.97 -1.68
N VAL A 249 -1.05 -4.77 -2.13
CA VAL A 249 -0.88 -4.51 -3.57
C VAL A 249 0.21 -5.40 -4.17
N THR A 250 1.27 -5.61 -3.42
CA THR A 250 2.41 -6.43 -3.85
C THR A 250 2.01 -7.89 -3.97
N ARG A 251 1.20 -8.36 -3.03
CA ARG A 251 0.65 -9.71 -3.09
C ARG A 251 -0.37 -9.89 -4.22
N LEU A 252 -1.11 -8.84 -4.54
CA LEU A 252 -1.97 -8.78 -5.72
C LEU A 252 -1.13 -8.89 -7.01
N VAL A 253 -0.12 -8.05 -7.12
CA VAL A 253 0.79 -8.08 -8.28
C VAL A 253 1.38 -9.47 -8.44
N ASN A 254 1.74 -10.07 -7.31
CA ASN A 254 2.33 -11.40 -7.27
C ASN A 254 1.37 -12.48 -7.74
N THR A 255 0.13 -12.45 -7.26
CA THR A 255 -0.91 -13.40 -7.65
C THR A 255 -1.21 -13.32 -9.16
N LEU A 256 -1.26 -12.10 -9.69
CA LEU A 256 -1.47 -11.86 -11.12
C LEU A 256 -0.30 -12.34 -11.96
N LYS A 257 0.92 -12.13 -11.47
CA LYS A 257 2.12 -12.67 -12.15
C LYS A 257 2.05 -14.19 -12.32
N GLU A 258 1.55 -14.86 -11.29
CA GLU A 258 1.37 -16.32 -11.28
C GLU A 258 0.24 -16.81 -12.20
N GLY A 259 -0.48 -15.86 -12.81
CA GLY A 259 -1.51 -16.17 -13.80
C GLY A 259 -2.90 -16.37 -13.23
N LYS A 260 -3.07 -16.11 -11.93
CA LYS A 260 -4.37 -16.27 -11.28
C LYS A 260 -5.27 -15.07 -11.56
N ARG A 261 -6.52 -15.37 -11.89
CA ARG A 261 -7.50 -14.35 -12.21
C ARG A 261 -8.81 -14.62 -11.49
N LEU A 262 -9.72 -13.66 -11.50
CA LEU A 262 -11.03 -13.87 -10.92
C LEU A 262 -11.72 -15.07 -11.58
N PRO A 263 -12.48 -15.84 -10.80
CA PRO A 263 -13.12 -17.03 -11.37
C PRO A 263 -14.32 -16.68 -12.26
N CYS A 264 -14.76 -17.67 -13.02
CA CYS A 264 -15.97 -17.57 -13.82
C CYS A 264 -17.19 -17.32 -12.93
N PRO A 265 -17.98 -16.27 -13.23
CA PRO A 265 -19.20 -16.07 -12.44
C PRO A 265 -20.18 -17.23 -12.61
N PRO A 266 -21.05 -17.45 -11.62
CA PRO A 266 -22.02 -18.50 -11.78
C PRO A 266 -22.97 -18.21 -12.94
N ASN A 267 -23.30 -19.26 -13.69
CA ASN A 267 -24.19 -19.16 -14.84
C ASN A 267 -23.59 -18.40 -16.03
N CYS A 268 -22.29 -18.13 -15.99
CA CYS A 268 -21.66 -17.45 -17.11
C CYS A 268 -21.06 -18.48 -18.07
N PRO A 269 -21.57 -18.52 -19.32
CA PRO A 269 -21.06 -19.49 -20.27
C PRO A 269 -19.58 -19.29 -20.52
N ASP A 270 -18.86 -20.38 -20.77
CA ASP A 270 -17.41 -20.34 -20.98
C ASP A 270 -17.04 -19.33 -22.06
N GLU A 271 -17.83 -19.26 -23.14
CA GLU A 271 -17.56 -18.34 -24.24
C GLU A 271 -17.60 -16.86 -23.81
N VAL A 272 -18.45 -16.53 -22.85
CA VAL A 272 -18.43 -15.19 -22.26
C VAL A 272 -17.18 -15.02 -21.38
N TYR A 273 -16.85 -16.06 -20.62
CA TYR A 273 -15.67 -16.04 -19.74
C TYR A 273 -14.35 -15.89 -20.50
N GLN A 274 -14.26 -16.44 -21.71
CA GLN A 274 -13.03 -16.30 -22.52
C GLN A 274 -12.82 -14.88 -23.07
N LEU A 275 -13.90 -14.21 -23.44
CA LEU A 275 -13.83 -12.78 -23.79
C LEU A 275 -13.27 -11.97 -22.63
N MET A 276 -13.69 -12.33 -21.42
CA MET A 276 -13.26 -11.71 -20.18
C MET A 276 -11.77 -11.95 -19.91
N ARG A 277 -11.33 -13.20 -20.02
CA ARG A 277 -9.90 -13.56 -19.87
C ARG A 277 -8.94 -12.89 -20.89
N LYS A 278 -9.43 -12.58 -22.08
CA LYS A 278 -8.66 -11.81 -23.07
C LYS A 278 -8.42 -10.34 -22.65
N CYS A 279 -9.24 -9.85 -21.73
CA CYS A 279 -9.06 -8.52 -21.16
C CYS A 279 -7.92 -8.53 -20.18
N TRP A 280 -7.64 -9.71 -19.65
CA TRP A 280 -6.70 -9.90 -18.56
C TRP A 280 -5.40 -10.61 -18.95
N GLU A 281 -4.94 -10.45 -20.19
CA GLU A 281 -3.58 -10.86 -20.55
C GLU A 281 -2.61 -9.98 -19.78
N PHE A 282 -1.55 -10.59 -19.26
CA PHE A 282 -0.62 -9.87 -18.39
C PHE A 282 0.03 -8.69 -19.12
N GLN A 283 0.37 -8.89 -20.39
CA GLN A 283 0.99 -7.86 -21.22
C GLN A 283 -0.07 -7.07 -21.99
N PRO A 284 -0.05 -5.73 -21.88
CA PRO A 284 -1.10 -4.91 -22.51
C PRO A 284 -1.22 -5.17 -24.01
N SER A 285 -0.09 -5.35 -24.67
CA SER A 285 -0.07 -5.58 -26.12
C SER A 285 -0.71 -6.92 -26.51
N ASN A 286 -0.79 -7.85 -25.56
CA ASN A 286 -1.47 -9.13 -25.79
C ASN A 286 -3.00 -9.11 -25.60
N ARG A 287 -3.52 -8.02 -25.03
CA ARG A 287 -4.95 -7.90 -24.74
C ARG A 287 -5.81 -7.60 -25.94
N THR A 288 -7.07 -8.00 -25.84
CA THR A 288 -8.07 -7.67 -26.84
C THR A 288 -8.34 -6.16 -26.85
N SER A 289 -8.98 -5.70 -27.90
CA SER A 289 -9.37 -4.31 -28.02
C SER A 289 -10.85 -4.17 -27.68
N PHE A 290 -11.29 -2.93 -27.55
CA PHE A 290 -12.72 -2.68 -27.37
C PHE A 290 -13.54 -3.08 -28.60
N GLN A 291 -13.03 -2.77 -29.79
CA GLN A 291 -13.72 -3.15 -31.04
C GLN A 291 -13.86 -4.68 -31.24
N ASN A 292 -12.85 -5.42 -30.84
CA ASN A 292 -12.90 -6.89 -30.85
C ASN A 292 -13.82 -7.47 -29.78
N LEU A 293 -13.89 -6.82 -28.62
CA LEU A 293 -14.90 -7.17 -27.61
C LEU A 293 -16.29 -7.01 -28.18
N ILE A 294 -16.55 -5.86 -28.80
CA ILE A 294 -17.86 -5.56 -29.41
C ILE A 294 -18.26 -6.65 -30.41
N GLU A 295 -17.34 -6.98 -31.31
CA GLU A 295 -17.55 -8.06 -32.28
C GLU A 295 -17.84 -9.40 -31.63
N GLY A 296 -17.09 -9.71 -30.58
CA GLY A 296 -17.27 -10.93 -29.81
C GLY A 296 -18.64 -11.04 -29.17
N PHE A 297 -19.11 -9.97 -28.54
CA PHE A 297 -20.43 -9.97 -27.87
C PHE A 297 -21.57 -10.04 -28.87
N GLU A 298 -21.46 -9.27 -29.95
CA GLU A 298 -22.48 -9.25 -31.00
C GLU A 298 -22.63 -10.61 -31.68
N ALA A 299 -21.52 -11.35 -31.83
CA ALA A 299 -21.57 -12.72 -32.35
C ALA A 299 -22.33 -13.65 -31.39
N LEU A 300 -22.14 -13.43 -30.09
CA LEU A 300 -22.89 -14.18 -29.08
C LEU A 300 -24.36 -13.77 -29.00
N LEU A 301 -24.63 -12.51 -29.33
CA LEU A 301 -26.00 -11.96 -29.30
C LEU A 301 -26.88 -12.40 -30.49
N LYS A 302 -26.24 -12.67 -31.63
CA LYS A 302 -26.95 -13.14 -32.82
C LYS A 302 -26.14 -14.23 -33.54
N VAL B 13 15.60 -24.32 44.27
CA VAL B 13 14.98 -23.18 43.54
C VAL B 13 15.57 -23.03 42.13
N ASP B 14 14.73 -22.53 41.22
CA ASP B 14 15.13 -22.28 39.83
C ASP B 14 15.38 -20.78 39.65
N PRO B 15 16.64 -20.40 39.37
CA PRO B 15 17.01 -18.98 39.18
C PRO B 15 16.48 -18.34 37.88
N THR B 16 15.92 -19.14 36.97
CA THR B 16 15.29 -18.64 35.76
C THR B 16 13.79 -18.56 35.94
N HIS B 17 13.31 -18.79 37.15
CA HIS B 17 11.89 -18.71 37.43
C HIS B 17 11.60 -17.47 38.26
N PHE B 18 10.90 -16.52 37.66
CA PHE B 18 10.58 -15.24 38.30
C PHE B 18 9.12 -15.26 38.72
N GLU B 19 8.88 -15.02 39.99
CA GLU B 19 7.51 -15.03 40.53
C GLU B 19 6.81 -13.69 40.25
N LYS B 20 5.63 -13.79 39.66
CA LYS B 20 4.80 -12.63 39.32
C LYS B 20 4.71 -11.65 40.50
N ARG B 21 4.48 -12.17 41.70
CA ARG B 21 4.28 -11.34 42.89
C ARG B 21 5.43 -10.39 43.18
N PHE B 22 6.66 -10.75 42.82
CA PHE B 22 7.84 -9.91 43.13
C PHE B 22 8.33 -9.04 41.98
N LEU B 23 7.66 -9.13 40.83
CA LEU B 23 8.13 -8.46 39.62
C LEU B 23 7.39 -7.13 39.50
N LYS B 24 8.10 -6.04 39.74
CA LYS B 24 7.48 -4.72 39.91
C LYS B 24 7.74 -3.85 38.70
N ARG B 25 6.66 -3.51 37.99
CA ARG B 25 6.74 -2.70 36.79
C ARG B 25 7.18 -1.28 37.13
N ILE B 26 8.21 -0.82 36.40
CA ILE B 26 8.72 0.53 36.54
C ILE B 26 8.28 1.41 35.36
N ARG B 27 8.72 1.08 34.15
CA ARG B 27 8.34 1.83 32.96
C ARG B 27 8.50 1.04 31.66
N ASP B 28 7.87 1.54 30.60
CA ASP B 28 7.95 0.95 29.26
C ASP B 28 9.29 1.22 28.57
N LEU B 29 9.81 0.21 27.87
CA LEU B 29 11.07 0.33 27.13
C LEU B 29 10.82 0.39 25.61
N GLY B 30 9.83 -0.36 25.14
CA GLY B 30 9.39 -0.30 23.77
C GLY B 30 8.18 -1.20 23.56
N GLU B 31 7.47 -0.99 22.45
CA GLU B 31 6.37 -1.85 22.07
C GLU B 31 6.15 -1.88 20.57
N GLY B 32 5.69 -3.04 20.08
CA GLY B 32 5.12 -3.18 18.74
C GLY B 32 3.61 -3.19 18.86
N HIS B 33 2.95 -3.81 17.89
CA HIS B 33 1.48 -3.85 17.88
C HIS B 33 0.94 -4.93 18.83
N PHE B 34 1.79 -5.91 19.12
CA PHE B 34 1.37 -7.16 19.77
C PHE B 34 2.11 -7.48 21.07
N GLY B 35 3.38 -7.07 21.13
CA GLY B 35 4.21 -7.22 22.31
C GLY B 35 4.70 -5.90 22.88
N LYS B 36 5.13 -5.95 24.14
CA LYS B 36 5.76 -4.79 24.75
C LYS B 36 6.89 -5.23 25.66
N VAL B 37 7.89 -4.38 25.81
CA VAL B 37 8.96 -4.64 26.76
C VAL B 37 8.93 -3.54 27.82
N GLU B 38 8.98 -3.95 29.09
CA GLU B 38 8.95 -3.03 30.24
C GLU B 38 10.17 -3.22 31.14
N LEU B 39 10.67 -2.12 31.69
CA LEU B 39 11.63 -2.17 32.79
C LEU B 39 10.90 -2.54 34.07
N CYS B 40 11.32 -3.64 34.72
CA CYS B 40 10.76 -4.04 36.02
C CYS B 40 11.88 -4.29 37.03
N ARG B 41 11.54 -4.27 38.31
CA ARG B 41 12.47 -4.70 39.36
C ARG B 41 12.00 -6.05 39.90
N TYR B 42 12.90 -7.02 39.96
CA TYR B 42 12.58 -8.26 40.64
C TYR B 42 13.03 -8.12 42.10
N ASP B 43 12.06 -7.97 43.00
CA ASP B 43 12.37 -7.57 44.37
C ASP B 43 11.76 -8.52 45.40
N PRO B 44 12.25 -9.77 45.45
CA PRO B 44 11.74 -10.73 46.42
C PRO B 44 11.88 -10.28 47.89
N GLU B 45 12.86 -9.43 48.20
CA GLU B 45 13.07 -8.94 49.57
C GLU B 45 12.14 -7.77 49.95
N GLY B 46 11.70 -6.99 48.96
CA GLY B 46 10.73 -5.92 49.21
C GLY B 46 11.30 -4.58 49.65
N ASP B 47 12.60 -4.36 49.41
CA ASP B 47 13.31 -3.15 49.87
C ASP B 47 13.96 -2.34 48.73
N ASN B 48 13.55 -2.60 47.50
CA ASN B 48 14.09 -1.96 46.29
C ASN B 48 15.58 -2.18 46.10
N THR B 49 16.08 -3.33 46.54
CA THR B 49 17.48 -3.70 46.31
C THR B 49 17.59 -4.71 45.15
N GLY B 50 16.46 -5.22 44.71
CA GLY B 50 16.42 -6.26 43.66
C GLY B 50 17.00 -5.84 42.33
N GLU B 51 17.28 -6.81 41.46
CA GLU B 51 17.82 -6.49 40.13
C GLU B 51 16.74 -5.92 39.17
N GLN B 52 17.16 -4.97 38.34
CA GLN B 52 16.34 -4.48 37.25
C GLN B 52 16.46 -5.44 36.05
N VAL B 53 15.32 -5.79 35.44
CA VAL B 53 15.24 -6.73 34.33
C VAL B 53 14.31 -6.16 33.24
N ALA B 54 14.48 -6.62 32.00
CA ALA B 54 13.61 -6.26 30.90
C ALA B 54 12.61 -7.39 30.74
N VAL B 55 11.32 -7.05 30.70
CA VAL B 55 10.24 -8.02 30.66
C VAL B 55 9.39 -7.80 29.42
N LYS B 56 9.39 -8.82 28.55
CA LYS B 56 8.58 -8.83 27.35
C LYS B 56 7.31 -9.64 27.58
N SER B 57 6.17 -9.03 27.28
CA SER B 57 4.88 -9.71 27.40
C SER B 57 4.02 -9.38 26.21
N LEU B 58 2.93 -10.11 26.07
CA LEU B 58 1.96 -9.85 25.04
C LEU B 58 1.00 -8.75 25.49
N LYS B 59 0.55 -7.94 24.53
CA LYS B 59 -0.56 -6.99 24.75
C LYS B 59 -1.89 -7.71 24.62
N PRO B 60 -2.88 -7.38 25.46
CA PRO B 60 -4.23 -7.93 25.29
C PRO B 60 -4.99 -7.29 24.12
N ASN B 65 -4.41 -14.05 19.44
CA ASN B 65 -3.45 -14.51 20.44
C ASN B 65 -2.12 -14.97 19.84
N HIS B 66 -1.03 -14.41 20.35
CA HIS B 66 0.32 -14.67 19.85
C HIS B 66 1.19 -15.33 20.92
N ILE B 67 0.56 -16.12 21.78
CA ILE B 67 1.27 -16.78 22.88
C ILE B 67 2.28 -17.79 22.35
N ALA B 68 1.90 -18.56 21.34
CA ALA B 68 2.81 -19.52 20.71
C ALA B 68 4.05 -18.85 20.11
N ASP B 69 3.88 -17.68 19.48
CA ASP B 69 5.03 -16.91 18.96
C ASP B 69 6.02 -16.48 20.07
N LEU B 70 5.48 -15.94 21.16
CA LEU B 70 6.33 -15.53 22.29
C LEU B 70 7.11 -16.73 22.83
N LYS B 71 6.45 -17.88 22.92
CA LYS B 71 7.05 -19.08 23.48
C LYS B 71 8.18 -19.57 22.62
N LYS B 72 8.02 -19.48 21.29
CA LYS B 72 9.08 -19.84 20.35
C LYS B 72 10.24 -18.84 20.45
N GLU B 73 9.95 -17.55 20.56
CA GLU B 73 11.00 -16.55 20.79
C GLU B 73 11.80 -16.85 22.06
N ILE B 74 11.11 -17.27 23.12
CA ILE B 74 11.74 -17.61 24.40
C ILE B 74 12.69 -18.82 24.24
N GLU B 75 12.25 -19.85 23.53
CA GLU B 75 13.11 -21.00 23.22
C GLU B 75 14.29 -20.67 22.30
N ILE B 76 14.12 -19.73 21.38
CA ILE B 76 15.24 -19.30 20.53
C ILE B 76 16.26 -18.56 21.40
N LEU B 77 15.80 -17.56 22.14
CA LEU B 77 16.71 -16.72 22.92
C LEU B 77 17.41 -17.49 24.05
N ARG B 78 16.67 -18.38 24.69
CA ARG B 78 17.19 -19.19 25.81
C ARG B 78 18.45 -19.99 25.49
N ASN B 79 18.57 -20.40 24.22
CA ASN B 79 19.66 -21.24 23.72
C ASN B 79 20.59 -20.51 22.76
N LEU B 80 20.57 -19.18 22.81
CA LEU B 80 21.58 -18.37 22.15
C LEU B 80 22.56 -17.94 23.23
N TYR B 81 23.85 -18.15 22.97
CA TYR B 81 24.90 -17.71 23.88
C TYR B 81 25.95 -17.01 23.06
N HIS B 82 25.91 -15.68 23.06
CA HIS B 82 26.91 -14.90 22.35
C HIS B 82 27.10 -13.56 23.06
N GLU B 83 28.33 -13.08 23.02
CA GLU B 83 28.75 -11.78 23.56
C GLU B 83 27.86 -10.62 23.09
N ASN B 84 27.48 -10.65 21.81
CA ASN B 84 26.67 -9.61 21.20
C ASN B 84 25.20 -9.97 21.01
N ILE B 85 24.70 -10.88 21.86
CA ILE B 85 23.27 -11.16 21.93
C ILE B 85 22.79 -10.99 23.38
N VAL B 86 21.70 -10.25 23.56
CA VAL B 86 21.11 -9.97 24.89
C VAL B 86 20.83 -11.27 25.66
N LYS B 87 21.11 -11.24 26.96
CA LYS B 87 21.02 -12.44 27.78
C LYS B 87 19.60 -12.70 28.22
N TYR B 88 19.12 -13.91 27.91
CA TYR B 88 17.97 -14.51 28.58
C TYR B 88 18.25 -14.65 30.10
N LYS B 89 17.29 -14.28 30.92
CA LYS B 89 17.37 -14.45 32.36
C LYS B 89 16.36 -15.45 32.86
N GLY B 90 15.14 -15.42 32.31
CA GLY B 90 14.18 -16.44 32.62
C GLY B 90 12.80 -16.21 32.11
N ILE B 91 11.83 -16.83 32.79
CA ILE B 91 10.43 -16.63 32.47
C ILE B 91 9.61 -16.34 33.71
N CYS B 92 8.44 -15.76 33.45
CA CYS B 92 7.39 -15.60 34.42
C CYS B 92 6.15 -16.25 33.80
N THR B 93 5.54 -17.19 34.51
CA THR B 93 4.37 -17.90 34.02
C THR B 93 3.14 -17.53 34.83
N ASN B 98 -1.65 -20.34 31.64
CA ASN B 98 -1.54 -20.34 30.19
C ASN B 98 -0.54 -19.31 29.65
N GLY B 99 -0.58 -18.11 30.22
CA GLY B 99 0.26 -16.98 29.78
C GLY B 99 1.73 -17.10 30.13
N ILE B 100 2.53 -16.18 29.62
CA ILE B 100 3.98 -16.18 29.87
C ILE B 100 4.62 -14.83 29.58
N LYS B 101 5.72 -14.56 30.27
CA LYS B 101 6.56 -13.37 30.04
C LYS B 101 8.02 -13.76 29.91
N LEU B 102 8.73 -13.14 28.97
CA LEU B 102 10.20 -13.34 28.80
C LEU B 102 10.98 -12.33 29.65
N ILE B 103 11.91 -12.81 30.48
CA ILE B 103 12.74 -11.95 31.32
C ILE B 103 14.17 -11.92 30.74
N MET B 104 14.66 -10.71 30.45
CA MET B 104 15.99 -10.51 29.91
C MET B 104 16.75 -9.52 30.75
N GLU B 105 18.06 -9.46 30.55
CA GLU B 105 18.86 -8.43 31.16
C GLU B 105 18.44 -7.05 30.65
N PHE B 106 18.43 -6.07 31.55
CA PHE B 106 18.20 -4.68 31.23
C PHE B 106 19.53 -3.99 30.92
N LEU B 107 19.61 -3.30 29.78
CA LEU B 107 20.78 -2.49 29.44
C LEU B 107 20.45 -1.00 29.57
N PRO B 108 20.85 -0.37 30.71
CA PRO B 108 20.45 1.02 30.99
C PRO B 108 20.77 2.06 29.91
N SER B 109 21.76 1.79 29.06
CA SER B 109 22.07 2.71 27.96
C SER B 109 21.04 2.70 26.84
N GLY B 110 20.21 1.67 26.82
CA GLY B 110 19.11 1.58 25.87
C GLY B 110 19.58 1.11 24.51
N SER B 111 18.82 1.45 23.49
CA SER B 111 19.21 1.08 22.13
C SER B 111 20.06 2.17 21.50
N LEU B 112 20.57 1.89 20.30
CA LEU B 112 21.30 2.88 19.55
C LEU B 112 20.46 4.13 19.23
N LYS B 113 19.17 3.91 19.05
CA LYS B 113 18.21 4.99 18.81
C LYS B 113 18.22 6.03 19.92
N GLU B 114 18.36 5.57 21.17
CA GLU B 114 18.42 6.45 22.34
C GLU B 114 19.84 6.94 22.64
N TYR B 115 20.80 6.05 22.47
CA TYR B 115 22.15 6.28 22.92
C TYR B 115 22.95 7.16 21.97
N LEU B 116 22.87 6.89 20.67
CA LEU B 116 23.67 7.63 19.69
C LEU B 116 23.41 9.15 19.70
N PRO B 117 22.15 9.59 19.68
CA PRO B 117 21.92 11.05 19.72
C PRO B 117 22.60 11.77 20.89
N LYS B 118 22.67 11.12 22.05
CA LYS B 118 23.21 11.70 23.27
C LYS B 118 24.70 11.50 23.49
N ASN B 119 25.37 10.79 22.58
CA ASN B 119 26.79 10.47 22.78
C ASN B 119 27.70 10.68 21.56
N LYS B 120 27.23 11.46 20.58
CA LYS B 120 28.00 11.79 19.38
C LYS B 120 29.46 12.14 19.64
N ASN B 121 29.69 12.95 20.66
CA ASN B 121 31.04 13.39 21.00
C ASN B 121 31.96 12.26 21.47
N LYS B 122 31.36 11.29 22.14
CA LYS B 122 32.07 10.13 22.68
C LYS B 122 32.28 9.03 21.61
N ILE B 123 31.42 8.99 20.59
CA ILE B 123 31.39 7.92 19.60
C ILE B 123 31.85 8.39 18.21
N ASN B 124 33.11 8.16 17.92
CA ASN B 124 33.70 8.51 16.61
C ASN B 124 33.53 7.37 15.60
N LEU B 125 34.05 7.55 14.40
CA LEU B 125 33.91 6.59 13.31
C LEU B 125 34.47 5.21 13.66
N LYS B 126 35.62 5.21 14.32
CA LYS B 126 36.26 3.98 14.75
C LYS B 126 35.33 3.18 15.66
N GLN B 127 34.76 3.81 16.66
CA GLN B 127 33.86 3.13 17.57
C GLN B 127 32.61 2.60 16.85
N GLN B 128 32.13 3.36 15.89
CA GLN B 128 30.99 2.97 15.07
C GLN B 128 31.32 1.74 14.24
N LEU B 129 32.53 1.66 13.71
CA LEU B 129 32.93 0.50 12.96
C LEU B 129 33.07 -0.70 13.88
N LYS B 130 33.48 -0.48 15.13
CA LYS B 130 33.57 -1.58 16.10
C LYS B 130 32.20 -2.12 16.51
N TYR B 131 31.21 -1.24 16.60
CA TYR B 131 29.83 -1.66 16.82
C TYR B 131 29.34 -2.46 15.64
N ALA B 132 29.67 -1.99 14.43
CA ALA B 132 29.25 -2.66 13.20
C ALA B 132 29.74 -4.12 13.15
N VAL B 133 30.99 -4.33 13.47
CA VAL B 133 31.58 -5.65 13.55
C VAL B 133 30.85 -6.52 14.59
N GLN B 134 30.60 -5.96 15.76
CA GLN B 134 29.86 -6.69 16.81
C GLN B 134 28.44 -7.06 16.40
N ILE B 135 27.74 -6.17 15.68
CA ILE B 135 26.43 -6.53 15.10
C ILE B 135 26.59 -7.70 14.10
N CYS B 136 27.55 -7.60 13.19
CA CYS B 136 27.82 -8.70 12.23
C CYS B 136 28.17 -10.05 12.90
N LYS B 137 28.94 -10.00 13.99
CA LYS B 137 29.28 -11.21 14.73
C LYS B 137 28.07 -11.84 15.36
N GLY B 138 27.21 -11.03 15.95
CA GLY B 138 25.96 -11.53 16.52
C GLY B 138 25.05 -12.11 15.45
N MET B 139 24.97 -11.41 14.32
CA MET B 139 24.13 -11.84 13.19
C MET B 139 24.67 -13.09 12.50
N ASP B 140 25.99 -13.20 12.39
CA ASP B 140 26.64 -14.39 11.82
C ASP B 140 26.43 -15.62 12.70
N TYR B 141 26.51 -15.43 14.01
CA TYR B 141 26.20 -16.51 14.96
C TYR B 141 24.76 -17.00 14.80
N LEU B 142 23.82 -16.07 14.73
CA LEU B 142 22.40 -16.40 14.50
C LEU B 142 22.19 -17.20 13.22
N GLY B 143 22.79 -16.76 12.12
CA GLY B 143 22.70 -17.43 10.82
C GLY B 143 23.25 -18.85 10.85
N SER B 144 24.29 -19.06 11.65
CA SER B 144 24.92 -20.34 11.83
C SER B 144 23.99 -21.33 12.59
N ARG B 145 23.14 -20.81 13.46
CA ARG B 145 22.12 -21.62 14.12
C ARG B 145 20.88 -21.79 13.23
N GLN B 146 20.96 -21.33 11.98
CA GLN B 146 19.92 -21.47 10.96
C GLN B 146 18.67 -20.61 11.25
N TYR B 147 18.93 -19.40 11.73
CA TYR B 147 17.87 -18.46 12.00
C TYR B 147 17.95 -17.27 11.07
N VAL B 148 16.80 -16.77 10.67
CA VAL B 148 16.72 -15.49 10.00
C VAL B 148 16.07 -14.53 11.02
N HIS B 149 16.64 -13.33 11.17
CA HIS B 149 16.22 -12.38 12.19
C HIS B 149 15.02 -11.52 11.76
N ARG B 150 15.07 -10.99 10.54
CA ARG B 150 13.93 -10.25 9.94
C ARG B 150 13.54 -8.88 10.56
N ASP B 151 14.31 -8.37 11.52
CA ASP B 151 13.97 -7.11 12.20
C ASP B 151 15.21 -6.33 12.64
N LEU B 152 16.28 -6.48 11.88
CA LEU B 152 17.53 -5.84 12.24
C LEU B 152 17.42 -4.35 11.91
N ALA B 153 17.37 -3.54 12.97
CA ALA B 153 17.25 -2.10 12.93
C ALA B 153 17.98 -1.57 14.15
N ALA B 154 18.42 -0.30 14.12
CA ALA B 154 19.18 0.31 15.20
C ALA B 154 18.42 0.29 16.53
N ARG B 155 17.09 0.36 16.47
CA ARG B 155 16.27 0.29 17.68
C ARG B 155 16.32 -1.07 18.36
N ASN B 156 16.82 -2.09 17.65
CA ASN B 156 16.97 -3.43 18.22
C ASN B 156 18.41 -3.78 18.61
N VAL B 157 19.29 -2.79 18.53
CA VAL B 157 20.68 -2.96 18.93
C VAL B 157 20.85 -2.22 20.23
N LEU B 158 21.21 -2.95 21.27
CA LEU B 158 21.29 -2.43 22.62
C LEU B 158 22.73 -2.08 22.96
N VAL B 159 22.89 -1.02 23.74
CA VAL B 159 24.21 -0.58 24.18
C VAL B 159 24.51 -1.11 25.56
N GLU B 160 25.48 -2.00 25.63
CA GLU B 160 25.96 -2.61 26.88
C GLU B 160 26.96 -1.69 27.58
N SER B 161 27.83 -1.08 26.78
CA SER B 161 28.79 -0.09 27.27
C SER B 161 29.22 0.73 26.06
N GLU B 162 30.08 1.69 26.29
CA GLU B 162 30.66 2.51 25.22
C GLU B 162 31.37 1.63 24.17
N HIS B 163 31.80 0.44 24.58
CA HIS B 163 32.60 -0.46 23.74
C HIS B 163 31.90 -1.74 23.29
N GLN B 164 30.63 -1.92 23.70
CA GLN B 164 29.92 -3.17 23.39
C GLN B 164 28.45 -2.96 23.08
N VAL B 165 27.99 -3.55 21.98
CA VAL B 165 26.57 -3.59 21.65
C VAL B 165 26.04 -5.04 21.59
N LYS B 166 24.73 -5.19 21.70
CA LYS B 166 24.06 -6.49 21.61
C LYS B 166 22.74 -6.42 20.84
N ILE B 167 22.46 -7.46 20.04
CA ILE B 167 21.15 -7.63 19.44
C ILE B 167 20.16 -7.90 20.57
N GLY B 168 19.09 -7.08 20.65
CA GLY B 168 18.21 -7.10 21.82
C GLY B 168 16.73 -7.43 21.65
N ASP B 169 16.36 -7.99 20.50
CA ASP B 169 14.99 -8.44 20.28
C ASP B 169 14.95 -9.45 19.17
N PHE B 170 14.12 -10.46 19.35
CA PHE B 170 14.06 -11.60 18.46
C PHE B 170 12.62 -11.98 18.16
N GLY B 171 11.75 -10.97 18.13
CA GLY B 171 10.30 -11.16 17.94
C GLY B 171 9.89 -11.70 16.59
N LEU B 172 10.67 -11.43 15.55
CA LEU B 172 10.36 -11.91 14.18
C LEU B 172 11.29 -13.06 13.74
N THR B 173 12.19 -13.50 14.59
CA THR B 173 13.21 -14.49 14.25
C THR B 173 12.60 -15.87 13.94
N LYS B 174 13.02 -16.45 12.81
CA LYS B 174 12.45 -17.68 12.29
C LYS B 174 13.55 -18.65 11.92
N ALA B 175 13.27 -19.95 12.11
CA ALA B 175 14.17 -21.03 11.67
C ALA B 175 14.09 -21.21 10.14
N ILE B 176 15.23 -21.22 9.47
CA ILE B 176 15.33 -21.72 8.09
C ILE B 176 15.45 -23.25 8.11
N GLU B 177 14.63 -23.92 7.32
CA GLU B 177 14.70 -25.38 7.17
C GLU B 177 16.06 -25.85 6.64
N THR B 178 16.54 -26.98 7.19
CA THR B 178 17.73 -27.65 6.64
C THR B 178 17.41 -28.08 5.21
N ASP B 179 18.38 -27.89 4.31
CA ASP B 179 18.20 -28.10 2.86
C ASP B 179 17.13 -27.16 2.24
N LYS B 180 17.03 -25.95 2.78
CA LYS B 180 16.24 -24.86 2.20
C LYS B 180 17.03 -23.57 2.38
N GLU B 181 16.70 -22.55 1.60
CA GLU B 181 17.46 -21.29 1.63
C GLU B 181 16.76 -20.14 2.36
N PTR B 182 15.44 -20.25 2.53
CA PTR B 182 14.66 -19.14 3.03
C PTR B 182 13.47 -19.53 3.89
O PTR B 182 13.15 -20.71 4.00
CB PTR B 182 14.22 -18.27 1.84
CG PTR B 182 13.32 -18.95 0.82
CD1 PTR B 182 13.81 -19.33 -0.44
CD2 PTR B 182 11.98 -19.16 1.08
CE1 PTR B 182 12.98 -19.94 -1.37
CE2 PTR B 182 11.14 -19.75 0.16
CZ PTR B 182 11.64 -20.15 -1.07
OH PTR B 182 10.84 -20.65 -1.86
P PTR B 182 11.03 -22.01 -2.70
O1P PTR B 182 9.69 -22.33 -3.21
O2P PTR B 182 11.53 -23.15 -1.79
O3P PTR B 182 12.03 -21.72 -3.84
N PTR B 183 12.84 -18.53 4.50
CA PTR B 183 11.58 -18.69 5.21
C PTR B 183 10.51 -17.88 4.48
O PTR B 183 10.67 -16.66 4.28
CB PTR B 183 11.67 -18.16 6.66
CG PTR B 183 10.35 -18.18 7.38
CD1 PTR B 183 9.59 -17.02 7.53
CD2 PTR B 183 9.84 -19.36 7.92
CE1 PTR B 183 8.36 -17.03 8.18
CE2 PTR B 183 8.62 -19.38 8.58
CZ PTR B 183 7.87 -18.22 8.71
OH PTR B 183 6.77 -18.18 9.29
P PTR B 183 6.00 -19.48 9.91
O1P PTR B 183 4.62 -19.04 10.44
O2P PTR B 183 5.79 -20.49 8.76
O3P PTR B 183 6.79 -20.13 10.98
N THR B 184 9.41 -18.53 4.12
CA THR B 184 8.29 -17.84 3.50
C THR B 184 7.35 -17.30 4.58
N VAL B 185 7.06 -16.00 4.53
CA VAL B 185 6.25 -15.34 5.55
C VAL B 185 4.80 -15.22 5.13
N LYS B 186 3.91 -15.28 6.12
CA LYS B 186 2.48 -15.14 5.92
C LYS B 186 2.00 -13.83 6.51
N ASP B 187 2.23 -13.63 7.80
CA ASP B 187 1.91 -12.35 8.42
C ASP B 187 3.00 -11.34 8.07
N ASP B 188 2.65 -10.34 7.27
CA ASP B 188 3.57 -9.26 6.86
C ASP B 188 2.97 -7.86 7.02
N ARG B 189 1.87 -7.77 7.75
CA ARG B 189 1.10 -6.54 7.94
C ARG B 189 1.99 -5.39 8.45
N ASP B 190 2.81 -5.69 9.45
CA ASP B 190 3.64 -4.68 10.14
C ASP B 190 5.13 -4.83 9.79
N SER B 191 5.42 -5.15 8.53
CA SER B 191 6.81 -5.31 8.08
C SER B 191 7.56 -3.99 8.09
N PRO B 192 8.81 -4.00 8.60
CA PRO B 192 9.67 -2.82 8.53
C PRO B 192 10.19 -2.65 7.11
N VAL B 193 9.31 -2.18 6.22
CA VAL B 193 9.55 -2.18 4.77
C VAL B 193 10.80 -1.44 4.32
N PHE B 194 11.13 -0.36 5.01
CA PHE B 194 12.28 0.45 4.59
C PHE B 194 13.63 -0.18 4.97
N TRP B 195 13.57 -1.29 5.68
CA TRP B 195 14.75 -2.07 6.05
C TRP B 195 14.86 -3.36 5.27
N TYR B 196 13.90 -3.62 4.39
CA TYR B 196 13.70 -4.95 3.80
C TYR B 196 14.25 -5.09 2.36
N ALA B 197 14.93 -6.21 2.11
CA ALA B 197 15.42 -6.53 0.77
C ALA B 197 14.24 -6.67 -0.22
N PRO B 198 14.49 -6.48 -1.53
CA PRO B 198 13.38 -6.54 -2.51
C PRO B 198 12.62 -7.88 -2.55
N GLU B 199 13.34 -8.99 -2.45
CA GLU B 199 12.72 -10.32 -2.40
C GLU B 199 11.78 -10.53 -1.22
N CYS B 200 11.96 -9.74 -0.15
CA CYS B 200 11.07 -9.73 0.99
C CYS B 200 9.86 -8.89 0.68
N LEU B 201 10.06 -7.79 -0.03
CA LEU B 201 8.97 -6.91 -0.39
C LEU B 201 8.13 -7.50 -1.52
N MET B 202 8.78 -8.15 -2.47
CA MET B 202 8.11 -8.61 -3.69
C MET B 202 7.39 -9.93 -3.47
N GLN B 203 8.03 -10.86 -2.76
CA GLN B 203 7.53 -12.23 -2.62
C GLN B 203 7.35 -12.74 -1.19
N SER B 204 7.71 -11.92 -0.19
CA SER B 204 7.73 -12.35 1.21
C SER B 204 8.61 -13.61 1.43
N LYS B 205 9.75 -13.65 0.75
CA LYS B 205 10.76 -14.71 0.98
C LYS B 205 11.96 -14.10 1.70
N PHE B 206 12.48 -14.82 2.69
CA PHE B 206 13.51 -14.28 3.59
C PHE B 206 14.73 -15.19 3.74
N TYR B 207 15.86 -14.71 3.20
CA TYR B 207 17.18 -15.41 3.23
C TYR B 207 18.11 -14.81 4.27
N ILE B 208 19.17 -15.54 4.64
CA ILE B 208 20.25 -14.93 5.47
C ILE B 208 20.79 -13.66 4.83
N ALA B 209 20.84 -13.66 3.49
CA ALA B 209 21.28 -12.52 2.71
C ALA B 209 20.32 -11.32 2.80
N SER B 210 19.07 -11.59 3.19
CA SER B 210 18.09 -10.54 3.45
C SER B 210 18.34 -9.80 4.78
N ASP B 211 18.82 -10.52 5.78
CA ASP B 211 19.37 -9.90 7.01
C ASP B 211 20.62 -9.07 6.73
N VAL B 212 21.43 -9.48 5.75
CA VAL B 212 22.57 -8.68 5.31
C VAL B 212 22.10 -7.30 4.77
N TRP B 213 21.03 -7.31 3.99
CA TRP B 213 20.43 -6.08 3.51
C TRP B 213 19.99 -5.14 4.64
N SER B 214 19.19 -5.67 5.57
CA SER B 214 18.78 -4.93 6.77
C SER B 214 19.99 -4.40 7.56
N PHE B 215 21.07 -5.17 7.63
CA PHE B 215 22.27 -4.69 8.28
C PHE B 215 22.83 -3.43 7.62
N GLY B 216 22.95 -3.43 6.31
CA GLY B 216 23.41 -2.23 5.60
C GLY B 216 22.60 -0.98 5.91
N VAL B 217 21.29 -1.13 6.07
CA VAL B 217 20.42 -0.01 6.43
C VAL B 217 20.63 0.37 7.90
N THR B 218 20.81 -0.64 8.76
CA THR B 218 21.18 -0.42 10.15
C THR B 218 22.53 0.30 10.27
N LEU B 219 23.50 -0.09 9.44
CA LEU B 219 24.77 0.63 9.37
C LEU B 219 24.56 2.10 8.98
N HIS B 220 23.63 2.35 8.07
CA HIS B 220 23.31 3.70 7.69
C HIS B 220 22.82 4.50 8.89
N GLU B 221 21.89 3.93 9.66
CA GLU B 221 21.40 4.57 10.90
C GLU B 221 22.51 4.88 11.91
N LEU B 222 23.41 3.92 12.08
CA LEU B 222 24.50 4.03 13.03
C LEU B 222 25.39 5.21 12.66
N LEU B 223 25.75 5.27 11.38
CA LEU B 223 26.56 6.34 10.84
C LEU B 223 25.90 7.72 10.91
N THR B 224 24.56 7.77 10.87
CA THR B 224 23.81 9.02 11.06
C THR B 224 23.41 9.27 12.54
N TYR B 225 23.93 8.44 13.45
CA TYR B 225 23.68 8.58 14.87
C TYR B 225 22.17 8.55 15.18
N CYS B 226 21.45 7.75 14.40
CA CYS B 226 20.00 7.59 14.53
C CYS B 226 19.22 8.89 14.61
N ASP B 227 19.61 9.88 13.81
CA ASP B 227 18.81 11.11 13.74
C ASP B 227 17.51 10.85 12.97
N SER B 228 16.41 11.23 13.58
CA SER B 228 15.08 11.06 12.98
C SER B 228 15.00 11.58 11.53
N ASP B 229 15.56 12.75 11.29
CA ASP B 229 15.52 13.37 9.95
C ASP B 229 16.43 12.71 8.90
N SER B 230 17.29 11.79 9.34
CA SER B 230 18.14 11.01 8.42
C SER B 230 17.73 9.54 8.40
N SER B 231 16.63 9.20 9.04
CA SER B 231 16.21 7.81 9.15
C SER B 231 15.86 7.28 7.77
N PRO B 232 16.04 5.96 7.56
CA PRO B 232 15.69 5.30 6.29
C PRO B 232 14.29 5.59 5.80
N MET B 233 13.31 5.55 6.69
CA MET B 233 11.94 5.94 6.36
C MET B 233 11.90 7.37 5.80
N ALA B 234 12.41 8.34 6.55
CA ALA B 234 12.44 9.74 6.11
C ALA B 234 13.15 9.94 4.76
N LEU B 235 14.29 9.30 4.57
CA LEU B 235 15.05 9.47 3.32
C LEU B 235 14.38 8.76 2.14
N PHE B 236 13.77 7.60 2.40
CA PHE B 236 13.05 6.87 1.35
C PHE B 236 11.77 7.60 0.96
N LEU B 237 11.02 8.08 1.96
CA LEU B 237 9.81 8.87 1.71
C LEU B 237 10.07 10.20 1.00
N LYS B 238 11.31 10.67 1.01
CA LYS B 238 11.71 11.83 0.22
C LYS B 238 11.96 11.40 -1.22
N MET B 239 12.64 10.27 -1.40
CA MET B 239 12.93 9.74 -2.75
C MET B 239 11.64 9.43 -3.51
N ILE B 240 10.68 8.77 -2.86
CA ILE B 240 9.49 8.24 -3.54
C ILE B 240 8.22 9.06 -3.35
N GLY B 241 8.21 9.97 -2.39
CA GLY B 241 7.01 10.75 -2.02
C GLY B 241 6.35 10.17 -0.77
N PRO B 242 5.86 11.04 0.15
CA PRO B 242 5.21 10.58 1.38
C PRO B 242 3.68 10.42 1.31
N THR B 243 3.10 10.66 0.13
CA THR B 243 1.67 10.78 -0.04
C THR B 243 1.09 9.70 -0.97
N HIS B 244 1.61 8.47 -0.88
CA HIS B 244 1.18 7.39 -1.78
C HIS B 244 0.37 6.27 -1.10
N GLY B 245 0.18 6.38 0.22
CA GLY B 245 -0.64 5.44 0.99
C GLY B 245 -0.36 3.97 0.72
N GLN B 246 -1.38 3.26 0.25
CA GLN B 246 -1.30 1.83 -0.07
C GLN B 246 -0.31 1.49 -1.17
N MET B 247 0.12 2.50 -1.95
CA MET B 247 1.06 2.27 -3.05
C MET B 247 2.53 2.47 -2.68
N THR B 248 2.82 2.75 -1.41
CA THR B 248 4.20 3.08 -1.00
C THR B 248 5.18 1.94 -1.31
N VAL B 249 4.82 0.72 -0.91
CA VAL B 249 5.74 -0.41 -1.04
C VAL B 249 6.05 -0.72 -2.50
N THR B 250 5.03 -0.62 -3.35
CA THR B 250 5.23 -0.85 -4.78
C THR B 250 6.13 0.22 -5.40
N ARG B 251 5.95 1.48 -4.98
CA ARG B 251 6.86 2.57 -5.38
C ARG B 251 8.28 2.42 -4.82
N LEU B 252 8.39 1.89 -3.60
CA LEU B 252 9.70 1.54 -3.02
C LEU B 252 10.42 0.45 -3.84
N VAL B 253 9.72 -0.64 -4.11
CA VAL B 253 10.24 -1.73 -4.93
C VAL B 253 10.68 -1.21 -6.30
N ASN B 254 9.91 -0.28 -6.85
CA ASN B 254 10.23 0.33 -8.14
C ASN B 254 11.49 1.18 -8.05
N THR B 255 11.60 1.99 -7.01
CA THR B 255 12.82 2.76 -6.73
C THR B 255 14.05 1.87 -6.67
N LEU B 256 13.97 0.77 -5.92
CA LEU B 256 15.07 -0.19 -5.74
C LEU B 256 15.41 -0.92 -7.06
N LYS B 257 14.39 -1.17 -7.89
CA LYS B 257 14.60 -1.78 -9.19
C LYS B 257 15.46 -0.88 -10.08
N GLU B 258 15.16 0.40 -10.09
CA GLU B 258 15.88 1.40 -10.88
C GLU B 258 17.31 1.66 -10.40
N GLY B 259 17.65 1.12 -9.21
CA GLY B 259 19.02 1.15 -8.70
C GLY B 259 19.28 2.20 -7.65
N LYS B 260 18.24 2.95 -7.26
CA LYS B 260 18.38 4.01 -6.26
C LYS B 260 18.57 3.40 -4.87
N ARG B 261 19.50 3.96 -4.10
CA ARG B 261 19.83 3.46 -2.77
C ARG B 261 19.98 4.67 -1.87
N LEU B 262 19.97 4.43 -0.56
CA LEU B 262 20.18 5.51 0.42
C LEU B 262 21.54 6.17 0.18
N PRO B 263 21.61 7.50 0.38
CA PRO B 263 22.84 8.20 0.05
C PRO B 263 23.94 7.92 1.06
N CYS B 264 25.15 8.34 0.73
CA CYS B 264 26.26 8.28 1.67
C CYS B 264 26.02 9.24 2.83
N PRO B 265 26.07 8.73 4.06
CA PRO B 265 25.97 9.61 5.21
C PRO B 265 27.08 10.66 5.22
N PRO B 266 26.83 11.82 5.86
CA PRO B 266 27.88 12.80 6.04
C PRO B 266 29.09 12.18 6.73
N ASN B 267 30.27 12.59 6.30
CA ASN B 267 31.53 12.17 6.92
C ASN B 267 31.82 10.66 6.85
N CYS B 268 31.02 9.92 6.11
CA CYS B 268 31.28 8.50 5.92
C CYS B 268 32.19 8.35 4.71
N PRO B 269 33.39 7.80 4.90
CA PRO B 269 34.31 7.64 3.77
C PRO B 269 33.81 6.63 2.75
N ASP B 270 34.35 6.69 1.54
CA ASP B 270 33.87 5.89 0.42
C ASP B 270 34.02 4.40 0.69
N GLU B 271 35.14 4.01 1.28
CA GLU B 271 35.42 2.62 1.59
C GLU B 271 34.42 2.02 2.58
N VAL B 272 33.85 2.84 3.47
CA VAL B 272 32.79 2.37 4.37
C VAL B 272 31.46 2.27 3.62
N TYR B 273 31.18 3.27 2.78
CA TYR B 273 29.98 3.31 1.94
C TYR B 273 29.90 2.17 0.93
N GLN B 274 31.05 1.80 0.37
CA GLN B 274 31.11 0.65 -0.54
C GLN B 274 30.78 -0.68 0.12
N LEU B 275 31.28 -0.89 1.34
CA LEU B 275 30.89 -2.08 2.12
C LEU B 275 29.38 -2.13 2.35
N MET B 276 28.78 -0.95 2.57
CA MET B 276 27.35 -0.76 2.72
C MET B 276 26.57 -1.04 1.44
N ARG B 277 27.11 -0.61 0.30
CA ARG B 277 26.45 -0.84 -0.98
C ARG B 277 26.46 -2.31 -1.41
N LYS B 278 27.47 -3.07 -0.97
CA LYS B 278 27.47 -4.52 -1.19
C LYS B 278 26.38 -5.27 -0.39
N CYS B 279 25.82 -4.64 0.63
CA CYS B 279 24.67 -5.17 1.36
C CYS B 279 23.37 -4.99 0.55
N TRP B 280 23.42 -4.09 -0.42
CA TRP B 280 22.22 -3.70 -1.17
C TRP B 280 22.21 -4.12 -2.64
N GLU B 281 22.91 -5.19 -2.98
CA GLU B 281 22.80 -5.79 -4.31
C GLU B 281 21.37 -6.29 -4.47
N PHE B 282 20.78 -6.06 -5.63
CA PHE B 282 19.37 -6.40 -5.84
C PHE B 282 19.09 -7.89 -5.64
N GLN B 283 19.97 -8.72 -6.18
CA GLN B 283 19.83 -10.18 -6.09
C GLN B 283 20.54 -10.68 -4.84
N PRO B 284 19.84 -11.44 -3.98
CA PRO B 284 20.45 -11.96 -2.73
C PRO B 284 21.74 -12.76 -2.92
N SER B 285 21.81 -13.51 -4.01
CA SER B 285 22.99 -14.32 -4.31
C SER B 285 24.26 -13.47 -4.49
N ASN B 286 24.07 -12.24 -4.99
CA ASN B 286 25.17 -11.29 -5.25
C ASN B 286 25.62 -10.43 -4.04
N ARG B 287 24.89 -10.53 -2.92
CA ARG B 287 25.21 -9.74 -1.74
C ARG B 287 26.43 -10.24 -0.97
N THR B 288 27.10 -9.31 -0.30
CA THR B 288 28.17 -9.67 0.63
C THR B 288 27.61 -10.52 1.79
N SER B 289 28.53 -11.17 2.51
CA SER B 289 28.20 -11.96 3.69
C SER B 289 28.59 -11.19 4.94
N PHE B 290 28.12 -11.64 6.09
CA PHE B 290 28.54 -11.05 7.35
C PHE B 290 30.02 -11.28 7.58
N GLN B 291 30.49 -12.46 7.22
CA GLN B 291 31.93 -12.78 7.31
C GLN B 291 32.82 -11.80 6.50
N ASN B 292 32.39 -11.46 5.31
CA ASN B 292 33.12 -10.51 4.46
C ASN B 292 33.08 -9.06 4.96
N LEU B 293 31.90 -8.65 5.45
CA LEU B 293 31.73 -7.40 6.18
C LEU B 293 32.69 -7.27 7.39
N ILE B 294 32.74 -8.30 8.24
CA ILE B 294 33.65 -8.31 9.39
C ILE B 294 35.09 -8.04 8.93
N GLU B 295 35.56 -8.83 7.97
CA GLU B 295 36.90 -8.66 7.41
C GLU B 295 37.16 -7.26 6.83
N GLY B 296 36.17 -6.72 6.11
CA GLY B 296 36.25 -5.38 5.55
C GLY B 296 36.37 -4.28 6.62
N PHE B 297 35.55 -4.38 7.67
CA PHE B 297 35.62 -3.42 8.79
C PHE B 297 36.91 -3.57 9.58
N GLU B 298 37.33 -4.80 9.82
CA GLU B 298 38.56 -5.06 10.59
C GLU B 298 39.83 -4.55 9.87
N ALA B 299 39.81 -4.57 8.54
CA ALA B 299 40.91 -4.01 7.75
C ALA B 299 40.98 -2.48 7.83
N LEU B 300 39.83 -1.83 7.90
CA LEU B 300 39.75 -0.38 8.08
C LEU B 300 40.20 0.05 9.47
N LEU B 301 39.98 -0.82 10.45
CA LEU B 301 40.35 -0.57 11.84
C LEU B 301 41.85 -0.79 12.12
N LYS B 302 42.55 -1.50 11.22
CA LYS B 302 44.02 -1.58 11.27
C LYS B 302 44.62 -0.27 10.75
C1 0Q2 C . -25.30 6.44 -7.67
C2 0Q2 C . -25.53 7.48 -8.75
N3 0Q2 C . -26.72 7.76 -9.24
C4 0Q2 C . -26.60 8.72 -10.21
C5 0Q2 C . -27.53 9.36 -11.05
N6 0Q2 C . -27.14 10.28 -11.92
C7 0Q2 C . -25.86 10.63 -12.02
C8 0Q2 C . -24.86 10.03 -11.22
C9 0Q2 C . -25.22 9.04 -10.29
N10 0Q2 C . -24.57 8.25 -9.34
C11 0Q2 C . -23.14 8.21 -9.03
C13 0Q2 C . -22.69 9.55 -8.42
C14 0Q2 C . -21.23 9.45 -7.94
C15 0Q2 C . -20.31 9.00 -9.09
C16 0Q2 C . -20.81 7.75 -9.87
C18 0Q2 C . -22.29 7.85 -10.27
O19 0Q2 C . -20.60 6.56 -9.10
C20 0Q2 C . -23.58 10.65 -11.60
C21 0Q2 C . -23.86 11.54 -12.55
N22 0Q2 C . -25.22 11.53 -12.81
C1 0Q2 D . 14.79 0.76 24.28
C2 0Q2 D . 15.30 -0.41 25.10
N3 0Q2 D . 16.06 -0.30 26.15
C4 0Q2 D . 16.34 -1.53 26.65
C5 0Q2 D . 17.12 -2.00 27.73
N6 0Q2 D . 17.23 -3.30 27.99
C7 0Q2 D . 16.60 -4.21 27.25
C8 0Q2 D . 15.80 -3.83 26.15
C9 0Q2 D . 15.65 -2.47 25.83
N10 0Q2 D . 14.98 -1.72 24.86
C11 0Q2 D . 14.15 -2.20 23.73
C13 0Q2 D . 12.86 -2.92 24.18
C14 0Q2 D . 11.99 -3.33 22.98
C15 0Q2 D . 12.77 -4.11 21.90
C16 0Q2 D . 14.11 -3.43 21.52
C18 0Q2 D . 14.95 -3.12 22.75
O19 0Q2 D . 13.87 -2.19 20.84
C20 0Q2 D . 15.28 -5.09 25.59
C21 0Q2 D . 15.78 -6.10 26.31
N22 0Q2 D . 16.57 -5.59 27.32
#